data_4LCG
#
_entry.id   4LCG
#
_cell.length_a   53.530
_cell.length_b   73.620
_cell.length_c   88.290
_cell.angle_alpha   90.000
_cell.angle_beta   90.000
_cell.angle_gamma   90.000
#
_symmetry.space_group_name_H-M   'P 21 21 21'
#
loop_
_entity.id
_entity.type
_entity.pdbx_description
1 polymer 'UDP-3-O-[3-hydroxymyristoyl] N-acetylglucosamine deacetylase'
2 non-polymer 'ZINC ION'
3 non-polymer (betaS)-Nalpha-{4-[4-(4-aminophenyl)buta-1,3-diyn-1-yl]benzoyl}-N,beta-dihydroxy-L-tyrosinamide
4 non-polymer 'NITRATE ION'
5 water water
#
_entity_poly.entity_id   1
_entity_poly.type   'polypeptide(L)'
_entity_poly.pdbx_seq_one_letter_code
;MIKQRTLKNIIRATGVGLHSGEKVYLTLKPAPVDTGIVFSRTDLDPVVEIPARAENVGETTMSTTLVKGDVKVDTVEHLL
SAMAGLGIDNAYVELSASEVPIMDGSAGPFVFLIQSAGLQEQEAAKKFIRIKREVSVEEGDKRAVFVPFDGFKVSFEIDF
DHPVFRGRTQQASVDFSSTSFVKEVSRARTFGFMRDIEYLRSQNLALGGSVENAIVVDENRVLNEDGLRYEDEFVKHKIL
DAIGDLYLLGNSLIGEFRGFKSGHALNNQLLRTLIADKDAWEVVTFEDARTAPISYMRP
;
_entity_poly.pdbx_strand_id   A
#
loop_
_chem_comp.id
_chem_comp.type
_chem_comp.name
_chem_comp.formula
1WM non-polymer (betaS)-Nalpha-{4-[4-(4-aminophenyl)buta-1,3-diyn-1-yl]benzoyl}-N,beta-dihydroxy-L-tyrosinamide 'C26 H21 N3 O5'
NO3 non-polymer 'NITRATE ION' 'N O3 -1'
ZN non-polymer 'ZINC ION' 'Zn 2'
#
# COMPACT_ATOMS: atom_id res chain seq x y z
N MET A 1 -19.95 19.00 0.35
CA MET A 1 -19.61 17.66 -0.10
C MET A 1 -18.17 17.32 0.27
N ILE A 2 -17.87 16.03 0.33
CA ILE A 2 -16.50 15.59 0.47
C ILE A 2 -15.85 15.67 -0.91
N LYS A 3 -14.81 16.48 -1.02
CA LYS A 3 -14.19 16.76 -2.31
C LYS A 3 -13.02 15.84 -2.61
N GLN A 4 -12.72 15.68 -3.90
CA GLN A 4 -11.51 14.99 -4.31
C GLN A 4 -10.29 15.76 -3.85
N ARG A 5 -9.18 15.05 -3.71
CA ARG A 5 -7.96 15.65 -3.19
C ARG A 5 -6.77 15.37 -4.09
N THR A 6 -5.94 16.39 -4.29
CA THR A 6 -4.67 16.22 -4.98
C THR A 6 -3.58 16.95 -4.20
N LEU A 7 -2.40 17.06 -4.78
CA LEU A 7 -1.31 17.80 -4.14
C LEU A 7 -1.35 19.26 -4.54
N LYS A 8 -0.83 20.13 -3.67
CA LYS A 8 -0.76 21.56 -3.95
C LYS A 8 0.48 21.91 -4.78
N ASN A 9 1.54 21.13 -4.58
CA ASN A 9 2.82 21.40 -5.22
C ASN A 9 3.50 20.12 -5.67
N ILE A 10 4.48 20.28 -6.56
CA ILE A 10 5.34 19.17 -6.95
C ILE A 10 6.39 18.97 -5.86
N ILE A 11 6.66 17.72 -5.52
CA ILE A 11 7.64 17.40 -4.49
C ILE A 11 8.50 16.22 -4.95
N ARG A 12 9.75 16.18 -4.51
CA ARG A 12 10.70 15.18 -4.98
C ARG A 12 11.50 14.52 -3.86
N ALA A 13 11.93 13.29 -4.13
CA ALA A 13 12.80 12.54 -3.23
C ALA A 13 13.64 11.58 -4.04
N THR A 14 14.71 11.07 -3.43
CA THR A 14 15.54 10.07 -4.06
C THR A 14 15.71 8.90 -3.11
N GLY A 15 15.97 7.73 -3.68
CA GLY A 15 16.28 6.56 -2.88
C GLY A 15 16.77 5.42 -3.73
N VAL A 16 16.74 4.22 -3.19
CA VAL A 16 17.16 3.04 -3.92
C VAL A 16 16.03 2.01 -3.95
N GLY A 17 15.96 1.22 -5.02
CA GLY A 17 14.99 0.15 -5.08
C GLY A 17 15.41 -0.99 -4.18
N LEU A 18 14.48 -1.52 -3.41
CA LEU A 18 14.77 -2.65 -2.52
C LEU A 18 15.24 -3.87 -3.30
N HIS A 19 14.52 -4.21 -4.35
CA HIS A 19 14.86 -5.39 -5.15
C HIS A 19 16.07 -5.16 -6.04
N SER A 20 16.08 -4.02 -6.71
CA SER A 20 17.07 -3.75 -7.76
C SER A 20 18.37 -3.15 -7.23
N GLY A 21 18.29 -2.43 -6.13
CA GLY A 21 19.45 -1.71 -5.60
C GLY A 21 19.79 -0.47 -6.42
N GLU A 22 18.93 -0.15 -7.38
CA GLU A 22 19.17 0.95 -8.30
C GLU A 22 18.70 2.30 -7.72
N LYS A 23 19.56 3.31 -7.82
CA LYS A 23 19.17 4.66 -7.41
C LYS A 23 18.05 5.16 -8.31
N VAL A 24 17.03 5.76 -7.70
CA VAL A 24 15.87 6.21 -8.43
C VAL A 24 15.42 7.59 -7.94
N TYR A 25 15.00 8.42 -8.90
CA TYR A 25 14.41 9.72 -8.61
C TYR A 25 12.89 9.58 -8.62
N LEU A 26 12.27 10.12 -7.59
CA LEU A 26 10.82 10.06 -7.41
C LEU A 26 10.24 11.47 -7.42
N THR A 27 9.16 11.67 -8.16
CA THR A 27 8.49 12.96 -8.22
C THR A 27 6.99 12.76 -8.04
N LEU A 28 6.39 13.51 -7.13
CA LEU A 28 4.94 13.49 -6.93
C LEU A 28 4.37 14.80 -7.43
N LYS A 29 3.32 14.73 -8.25
CA LYS A 29 2.76 15.92 -8.88
C LYS A 29 1.24 15.99 -8.75
N PRO A 30 0.68 17.20 -8.71
CA PRO A 30 -0.78 17.36 -8.75
C PRO A 30 -1.35 16.76 -10.04
N ALA A 31 -2.62 16.36 -10.00
CA ALA A 31 -3.29 15.84 -11.19
C ALA A 31 -4.74 16.27 -11.18
N PRO A 32 -5.35 16.37 -12.37
CA PRO A 32 -6.74 16.83 -12.46
C PRO A 32 -7.73 15.85 -11.84
N VAL A 33 -8.95 16.33 -11.61
CA VAL A 33 -10.05 15.51 -11.12
C VAL A 33 -10.22 14.24 -11.95
N ASP A 34 -10.50 13.13 -11.26
CA ASP A 34 -10.77 11.83 -11.90
C ASP A 34 -9.57 11.23 -12.65
N THR A 35 -8.37 11.71 -12.34
CA THR A 35 -7.17 11.10 -12.92
C THR A 35 -6.83 9.79 -12.21
N GLY A 36 -6.99 9.78 -10.90
CA GLY A 36 -6.47 8.70 -10.08
C GLY A 36 -4.98 8.88 -9.90
N ILE A 37 -4.30 7.83 -9.45
CA ILE A 37 -2.85 7.84 -9.36
C ILE A 37 -2.28 7.21 -10.61
N VAL A 38 -1.38 7.93 -11.27
CA VAL A 38 -0.76 7.43 -12.49
C VAL A 38 0.74 7.47 -12.38
N PHE A 39 1.39 6.33 -12.62
CA PHE A 39 2.84 6.27 -12.60
C PHE A 39 3.41 6.52 -14.00
N SER A 40 4.52 7.23 -14.07
CA SER A 40 5.20 7.48 -15.34
C SER A 40 6.67 7.12 -15.26
N ARG A 41 7.13 6.29 -16.20
CA ARG A 41 8.56 6.00 -16.34
C ARG A 41 9.17 7.05 -17.25
N THR A 42 9.73 8.09 -16.63
CA THR A 42 10.23 9.23 -17.39
C THR A 42 11.62 9.00 -17.98
N ASP A 43 12.23 7.88 -17.62
CA ASP A 43 13.53 7.52 -18.15
C ASP A 43 13.41 6.92 -19.55
N LEU A 44 12.22 6.43 -19.87
CA LEU A 44 11.99 5.74 -21.13
C LEU A 44 11.64 6.72 -22.25
N ASP A 45 11.88 6.29 -23.49
CA ASP A 45 11.60 7.09 -24.67
C ASP A 45 10.86 6.23 -25.70
N PRO A 46 9.55 6.46 -25.86
CA PRO A 46 8.77 7.50 -25.18
C PRO A 46 8.46 7.16 -23.72
N VAL A 47 8.03 8.17 -22.98
CA VAL A 47 7.65 7.99 -21.59
C VAL A 47 6.43 7.07 -21.54
N VAL A 48 6.46 6.11 -20.61
CA VAL A 48 5.37 5.16 -20.47
C VAL A 48 4.58 5.43 -19.20
N GLU A 49 3.26 5.58 -19.34
CA GLU A 49 2.37 5.80 -18.20
C GLU A 49 1.63 4.52 -17.84
N ILE A 50 1.53 4.23 -16.54
CA ILE A 50 0.74 3.10 -16.06
C ILE A 50 -0.19 3.54 -14.94
N PRO A 51 -1.50 3.56 -15.20
CA PRO A 51 -2.46 3.88 -14.15
C PRO A 51 -2.38 2.88 -13.00
N ALA A 52 -2.47 3.38 -11.77
CA ALA A 52 -2.43 2.53 -10.60
C ALA A 52 -3.79 1.88 -10.39
N ARG A 53 -4.08 0.85 -11.18
CA ARG A 53 -5.35 0.13 -11.09
C ARG A 53 -5.12 -1.37 -10.99
N ALA A 54 -6.07 -2.07 -10.38
CA ALA A 54 -5.94 -3.50 -10.12
C ALA A 54 -5.63 -4.31 -11.37
N GLU A 55 -6.23 -3.93 -12.49
CA GLU A 55 -6.08 -4.68 -13.73
C GLU A 55 -4.67 -4.60 -14.31
N ASN A 56 -3.86 -3.65 -13.83
CA ASN A 56 -2.52 -3.49 -14.35
C ASN A 56 -1.44 -4.14 -13.49
N VAL A 57 -1.85 -4.89 -12.47
CA VAL A 57 -0.90 -5.59 -11.62
C VAL A 57 -0.43 -6.88 -12.29
N GLY A 58 0.88 -7.07 -12.33
CA GLY A 58 1.47 -8.25 -12.92
C GLY A 58 1.70 -9.36 -11.91
N GLU A 59 2.26 -10.48 -12.36
CA GLU A 59 2.55 -11.59 -11.48
C GLU A 59 4.02 -11.62 -11.08
N THR A 60 4.29 -11.32 -9.81
CA THR A 60 5.64 -11.33 -9.28
C THR A 60 5.67 -12.02 -7.93
N THR A 61 6.84 -12.56 -7.57
CA THR A 61 6.98 -13.25 -6.30
C THR A 61 6.88 -12.28 -5.12
N MET A 62 7.54 -11.13 -5.24
CA MET A 62 7.58 -10.16 -4.16
C MET A 62 7.07 -8.79 -4.61
N SER A 63 6.37 -8.11 -3.70
CA SER A 63 5.83 -6.76 -3.93
C SER A 63 4.78 -6.67 -5.04
N THR A 64 3.99 -5.61 -5.00
CA THR A 64 2.99 -5.34 -6.02
C THR A 64 3.64 -4.57 -7.16
N THR A 65 3.52 -5.11 -8.37
CA THR A 65 4.17 -4.56 -9.54
C THR A 65 3.13 -4.20 -10.59
N LEU A 66 3.19 -2.96 -11.10
CA LEU A 66 2.33 -2.55 -12.20
C LEU A 66 3.06 -2.84 -13.50
N VAL A 67 2.33 -3.32 -14.50
CA VAL A 67 2.94 -3.65 -15.78
C VAL A 67 2.15 -3.10 -16.97
N LYS A 68 2.87 -2.69 -18.00
CA LYS A 68 2.28 -2.40 -19.31
C LYS A 68 3.26 -2.89 -20.35
N GLY A 69 2.93 -4.01 -20.99
CA GLY A 69 3.85 -4.64 -21.92
C GLY A 69 5.09 -5.13 -21.19
N ASP A 70 6.25 -4.70 -21.65
CA ASP A 70 7.52 -5.09 -21.03
C ASP A 70 7.98 -4.07 -20.00
N VAL A 71 7.16 -3.05 -19.77
CA VAL A 71 7.51 -1.99 -18.83
C VAL A 71 6.86 -2.23 -17.47
N LYS A 72 7.65 -2.09 -16.41
CA LYS A 72 7.16 -2.34 -15.06
C LYS A 72 7.46 -1.19 -14.11
N VAL A 73 6.65 -1.09 -13.07
CA VAL A 73 6.92 -0.25 -11.92
C VAL A 73 6.74 -1.13 -10.70
N ASP A 74 7.84 -1.46 -10.04
CA ASP A 74 7.85 -2.41 -8.95
C ASP A 74 7.70 -1.73 -7.60
N THR A 75 7.11 -2.45 -6.65
CA THR A 75 7.05 -2.04 -5.25
C THR A 75 6.24 -0.75 -5.05
N VAL A 76 5.00 -0.77 -5.50
CA VAL A 76 4.16 0.42 -5.41
C VAL A 76 3.38 0.51 -4.10
N GLU A 77 3.40 -0.57 -3.31
CA GLU A 77 2.47 -0.71 -2.18
C GLU A 77 2.62 0.29 -1.03
N HIS A 78 3.86 0.67 -0.68
CA HIS A 78 4.04 1.58 0.45
C HIS A 78 3.69 3.03 0.08
N LEU A 79 4.07 3.45 -1.12
CA LEU A 79 3.67 4.75 -1.61
C LEU A 79 2.15 4.84 -1.74
N LEU A 80 1.54 3.79 -2.31
CA LEU A 80 0.09 3.80 -2.45
C LEU A 80 -0.62 3.76 -1.10
N SER A 81 -0.02 3.10 -0.12
CA SER A 81 -0.60 3.08 1.22
CA SER A 81 -0.61 3.08 1.22
C SER A 81 -0.69 4.50 1.78
N ALA A 82 0.38 5.28 1.57
CA ALA A 82 0.38 6.66 2.01
C ALA A 82 -0.66 7.50 1.28
N MET A 83 -0.77 7.30 -0.03
CA MET A 83 -1.80 7.99 -0.81
C MET A 83 -3.19 7.68 -0.29
N ALA A 84 -3.44 6.41 -0.02
CA ALA A 84 -4.73 5.97 0.50
C ALA A 84 -5.00 6.56 1.88
N GLY A 85 -4.00 6.50 2.74
CA GLY A 85 -4.13 6.98 4.12
C GLY A 85 -4.43 8.46 4.22
N LEU A 86 -3.90 9.24 3.29
CA LEU A 86 -4.12 10.70 3.29
C LEU A 86 -5.24 11.10 2.35
N GLY A 87 -5.88 10.13 1.71
CA GLY A 87 -7.04 10.37 0.88
C GLY A 87 -6.71 11.16 -0.38
N ILE A 88 -5.57 10.85 -0.99
CA ILE A 88 -5.20 11.51 -2.24
C ILE A 88 -5.85 10.78 -3.42
N ASP A 89 -6.76 11.46 -4.11
CA ASP A 89 -7.44 10.85 -5.25
C ASP A 89 -6.59 10.89 -6.51
N ASN A 90 -5.95 12.02 -6.74
CA ASN A 90 -5.35 12.31 -8.02
C ASN A 90 -3.90 12.75 -7.88
N ALA A 91 -3.00 12.05 -8.55
CA ALA A 91 -1.59 12.45 -8.53
C ALA A 91 -0.82 11.76 -9.64
N TYR A 92 0.20 12.44 -10.14
CA TYR A 92 1.16 11.81 -11.04
C TYR A 92 2.39 11.43 -10.25
N VAL A 93 2.92 10.24 -10.52
CA VAL A 93 4.14 9.79 -9.88
C VAL A 93 5.18 9.47 -10.95
N GLU A 94 6.20 10.30 -11.03
CA GLU A 94 7.27 10.08 -12.01
C GLU A 94 8.42 9.31 -11.37
N LEU A 95 8.95 8.34 -12.12
CA LEU A 95 10.07 7.52 -11.68
C LEU A 95 11.13 7.43 -12.77
N SER A 96 12.40 7.47 -12.37
CA SER A 96 13.51 7.38 -13.31
C SER A 96 13.99 5.94 -13.48
N ALA A 97 13.30 5.01 -12.84
CA ALA A 97 13.67 3.60 -12.88
C ALA A 97 12.46 2.72 -12.59
N SER A 98 12.64 1.41 -12.71
CA SER A 98 11.51 0.46 -12.65
C SER A 98 11.08 0.05 -11.24
N GLU A 99 11.51 0.79 -10.22
CA GLU A 99 11.07 0.48 -8.85
C GLU A 99 10.98 1.74 -7.99
N VAL A 100 9.86 1.87 -7.27
CA VAL A 100 9.70 2.93 -6.27
C VAL A 100 10.80 2.78 -5.22
N PRO A 101 11.43 3.89 -4.81
CA PRO A 101 12.48 3.75 -3.79
C PRO A 101 11.91 3.21 -2.49
N ILE A 102 12.69 2.39 -1.79
CA ILE A 102 12.21 1.74 -0.59
C ILE A 102 12.20 2.69 0.62
N MET A 103 13.03 3.73 0.56
CA MET A 103 13.15 4.69 1.66
C MET A 103 13.48 3.96 2.97
N ASP A 104 12.67 4.11 4.02
CA ASP A 104 12.97 3.45 5.29
C ASP A 104 12.19 2.13 5.46
N GLY A 105 11.55 1.68 4.38
CA GLY A 105 10.80 0.44 4.42
C GLY A 105 9.35 0.60 4.85
N SER A 106 8.96 1.82 5.23
CA SER A 106 7.58 2.08 5.68
C SER A 106 6.88 3.04 4.72
N ALA A 107 5.70 3.50 5.10
CA ALA A 107 5.00 4.52 4.33
C ALA A 107 5.27 5.92 4.87
N GLY A 108 5.99 6.00 5.98
CA GLY A 108 6.31 7.27 6.62
C GLY A 108 6.92 8.32 5.72
N PRO A 109 7.97 7.97 4.97
CA PRO A 109 8.58 8.97 4.08
C PRO A 109 7.61 9.47 3.02
N PHE A 110 6.70 8.63 2.55
CA PHE A 110 5.74 9.08 1.55
C PHE A 110 4.65 9.95 2.16
N VAL A 111 4.23 9.64 3.38
CA VAL A 111 3.33 10.53 4.11
C VAL A 111 3.97 11.92 4.26
N PHE A 112 5.24 11.95 4.63
CA PHE A 112 5.97 13.19 4.81
C PHE A 112 6.01 13.97 3.50
N LEU A 113 6.30 13.29 2.40
CA LEU A 113 6.37 13.94 1.10
C LEU A 113 5.01 14.53 0.69
N ILE A 114 3.95 13.74 0.86
CA ILE A 114 2.62 14.19 0.49
C ILE A 114 2.20 15.39 1.34
N GLN A 115 2.40 15.31 2.64
CA GLN A 115 2.06 16.42 3.53
C GLN A 115 2.85 17.67 3.15
N SER A 116 4.11 17.48 2.78
CA SER A 116 4.98 18.61 2.44
C SER A 116 4.59 19.27 1.13
N ALA A 117 4.02 18.48 0.23
CA ALA A 117 3.54 19.00 -1.05
C ALA A 117 2.31 19.86 -0.84
N GLY A 118 1.60 19.60 0.26
CA GLY A 118 0.37 20.31 0.55
C GLY A 118 -0.85 19.60 -0.02
N LEU A 119 -1.99 19.75 0.64
CA LEU A 119 -3.21 19.09 0.22
C LEU A 119 -4.15 20.07 -0.47
N GLN A 120 -4.54 19.74 -1.70
CA GLN A 120 -5.42 20.62 -2.47
C GLN A 120 -6.78 19.97 -2.72
N GLU A 121 -7.83 20.59 -2.20
CA GLU A 121 -9.18 20.12 -2.47
C GLU A 121 -9.63 20.56 -3.86
N GLN A 122 -10.34 19.69 -4.55
CA GLN A 122 -10.75 19.94 -5.93
C GLN A 122 -12.26 20.00 -6.04
N GLU A 123 -12.75 20.69 -7.07
CA GLU A 123 -14.18 20.93 -7.19
C GLU A 123 -14.92 19.77 -7.83
N ALA A 124 -14.88 18.62 -7.16
CA ALA A 124 -15.61 17.44 -7.61
C ALA A 124 -15.78 16.49 -6.43
N ALA A 125 -16.93 15.82 -6.40
CA ALA A 125 -17.22 14.90 -5.30
C ALA A 125 -16.25 13.73 -5.30
N LYS A 126 -15.74 13.41 -4.12
CA LYS A 126 -14.88 12.24 -3.93
C LYS A 126 -15.73 10.98 -4.01
N LYS A 127 -15.27 10.00 -4.78
CA LYS A 127 -16.02 8.75 -4.95
C LYS A 127 -15.47 7.67 -4.02
N PHE A 128 -16.39 6.93 -3.41
CA PHE A 128 -16.02 5.83 -2.53
C PHE A 128 -16.61 4.53 -3.05
N ILE A 129 -15.88 3.43 -2.86
CA ILE A 129 -16.42 2.12 -3.17
C ILE A 129 -16.93 1.49 -1.89
N ARG A 130 -18.23 1.24 -1.82
CA ARG A 130 -18.82 0.64 -0.64
C ARG A 130 -19.06 -0.85 -0.86
N ILE A 131 -18.53 -1.66 0.04
CA ILE A 131 -18.77 -3.10 0.01
C ILE A 131 -20.20 -3.42 0.44
N LYS A 132 -20.96 -4.10 -0.43
CA LYS A 132 -22.36 -4.42 -0.17
C LYS A 132 -22.54 -5.86 0.29
N ARG A 133 -21.65 -6.74 -0.16
CA ARG A 133 -21.71 -8.16 0.16
C ARG A 133 -20.30 -8.68 0.41
N GLU A 134 -20.17 -9.59 1.35
CA GLU A 134 -18.87 -10.17 1.66
C GLU A 134 -18.34 -11.01 0.50
N VAL A 135 -17.08 -10.75 0.15
CA VAL A 135 -16.39 -11.46 -0.92
C VAL A 135 -15.06 -11.97 -0.37
N SER A 136 -14.70 -13.20 -0.72
CA SER A 136 -13.46 -13.75 -0.23
C SER A 136 -12.70 -14.54 -1.30
N VAL A 137 -11.40 -14.63 -1.14
CA VAL A 137 -10.56 -15.49 -1.96
C VAL A 137 -9.60 -16.23 -1.04
N GLU A 138 -9.14 -17.40 -1.49
CA GLU A 138 -8.24 -18.23 -0.69
C GLU A 138 -7.16 -18.85 -1.56
N GLU A 139 -6.04 -19.17 -0.91
CA GLU A 139 -4.99 -19.99 -1.51
C GLU A 139 -4.33 -20.76 -0.39
N GLY A 140 -4.57 -22.07 -0.33
CA GLY A 140 -4.11 -22.86 0.80
C GLY A 140 -4.77 -22.38 2.08
N ASP A 141 -3.97 -22.06 3.09
CA ASP A 141 -4.51 -21.54 4.34
C ASP A 141 -4.54 -20.03 4.38
N LYS A 142 -4.22 -19.40 3.24
CA LYS A 142 -4.24 -17.94 3.15
C LYS A 142 -5.63 -17.47 2.70
N ARG A 143 -6.09 -16.38 3.28
CA ARG A 143 -7.43 -15.89 3.02
C ARG A 143 -7.48 -14.35 3.03
N ALA A 144 -8.21 -13.78 2.09
CA ALA A 144 -8.41 -12.33 2.04
C ALA A 144 -9.89 -12.07 1.82
N VAL A 145 -10.45 -11.12 2.56
CA VAL A 145 -11.90 -10.92 2.60
C VAL A 145 -12.26 -9.43 2.58
N PHE A 146 -13.28 -9.08 1.82
CA PHE A 146 -13.97 -7.80 1.98
C PHE A 146 -15.27 -8.05 2.72
N VAL A 147 -15.52 -7.30 3.79
CA VAL A 147 -16.75 -7.43 4.57
C VAL A 147 -17.44 -6.07 4.61
N PRO A 148 -18.78 -6.04 4.46
CA PRO A 148 -19.47 -4.76 4.63
C PRO A 148 -19.16 -4.14 5.99
N PHE A 149 -18.94 -2.83 6.00
CA PHE A 149 -18.67 -2.10 7.24
C PHE A 149 -18.97 -0.64 7.02
N ASP A 150 -19.74 -0.05 7.93
CA ASP A 150 -20.08 1.36 7.85
C ASP A 150 -18.92 2.22 8.34
N GLY A 151 -17.86 2.27 7.54
CA GLY A 151 -16.66 2.99 7.87
C GLY A 151 -15.50 2.41 7.09
N PHE A 152 -14.29 2.52 7.61
CA PHE A 152 -13.13 1.88 7.00
C PHE A 152 -12.32 1.17 8.07
N LYS A 153 -12.16 -0.14 7.90
CA LYS A 153 -11.48 -0.95 8.89
C LYS A 153 -10.58 -1.97 8.20
N VAL A 154 -9.38 -2.15 8.72
CA VAL A 154 -8.48 -3.17 8.19
C VAL A 154 -8.02 -4.09 9.30
N SER A 155 -8.24 -5.38 9.10
CA SER A 155 -7.87 -6.39 10.10
C SER A 155 -6.90 -7.37 9.47
N PHE A 156 -5.96 -7.87 10.25
CA PHE A 156 -4.96 -8.78 9.71
C PHE A 156 -4.47 -9.73 10.80
N GLU A 157 -4.21 -10.97 10.40
CA GLU A 157 -3.59 -11.94 11.29
C GLU A 157 -2.46 -12.63 10.53
N ILE A 158 -1.27 -12.64 11.12
CA ILE A 158 -0.18 -13.47 10.63
C ILE A 158 -0.07 -14.66 11.57
N ASP A 159 0.63 -15.70 11.13
CA ASP A 159 0.63 -16.97 11.87
C ASP A 159 2.00 -17.65 11.82
N PHE A 160 3.04 -16.91 12.19
CA PHE A 160 4.38 -17.47 12.20
C PHE A 160 4.62 -18.29 13.46
N ASP A 161 5.20 -19.47 13.30
CA ASP A 161 5.45 -20.38 14.41
C ASP A 161 6.90 -20.30 14.88
N HIS A 162 7.72 -19.51 14.19
CA HIS A 162 9.13 -19.38 14.56
C HIS A 162 9.24 -18.76 15.95
N PRO A 163 10.25 -19.18 16.73
CA PRO A 163 10.42 -18.70 18.11
C PRO A 163 10.40 -17.17 18.24
N VAL A 164 10.98 -16.46 17.28
CA VAL A 164 11.02 -15.01 17.33
C VAL A 164 9.62 -14.39 17.42
N PHE A 165 8.62 -15.09 16.88
CA PHE A 165 7.25 -14.58 16.88
C PHE A 165 6.41 -15.09 18.05
N ARG A 166 6.96 -16.01 18.85
CA ARG A 166 6.18 -16.61 19.92
C ARG A 166 5.82 -15.57 20.97
N GLY A 167 4.54 -15.51 21.33
CA GLY A 167 4.08 -14.54 22.30
C GLY A 167 3.70 -13.19 21.71
N ARG A 168 4.11 -12.92 20.47
CA ARG A 168 3.73 -11.67 19.81
C ARG A 168 2.26 -11.72 19.43
N THR A 169 1.63 -10.56 19.36
CA THR A 169 0.20 -10.47 19.10
C THR A 169 -0.19 -11.12 17.78
N GLN A 170 0.55 -10.77 16.72
CA GLN A 170 0.33 -11.30 15.37
C GLN A 170 -1.06 -11.04 14.82
N GLN A 171 -1.76 -10.07 15.38
CA GLN A 171 -3.10 -9.73 14.94
C GLN A 171 -3.42 -8.29 15.30
N ALA A 172 -4.15 -7.62 14.42
CA ALA A 172 -4.63 -6.27 14.70
C ALA A 172 -5.87 -6.00 13.89
N SER A 173 -6.78 -5.22 14.46
CA SER A 173 -7.99 -4.79 13.75
C SER A 173 -8.12 -3.28 13.94
N VAL A 174 -7.89 -2.53 12.88
CA VAL A 174 -7.83 -1.09 12.95
C VAL A 174 -9.07 -0.42 12.37
N ASP A 175 -9.85 0.22 13.24
CA ASP A 175 -11.00 1.01 12.82
C ASP A 175 -10.51 2.46 12.70
N PHE A 176 -10.55 3.00 11.50
CA PHE A 176 -9.98 4.33 11.28
C PHE A 176 -10.88 5.47 11.74
N SER A 177 -11.97 5.13 12.41
CA SER A 177 -12.77 6.10 13.14
C SER A 177 -11.94 6.70 14.27
N SER A 178 -11.10 5.86 14.89
CA SER A 178 -10.38 6.25 16.10
C SER A 178 -8.90 5.89 16.07
N THR A 179 -8.40 5.48 14.91
CA THR A 179 -6.98 5.23 14.76
C THR A 179 -6.43 6.12 13.67
N SER A 180 -5.29 6.75 13.94
CA SER A 180 -4.61 7.58 12.95
C SER A 180 -3.73 6.73 12.05
N PHE A 181 -4.03 6.71 10.75
CA PHE A 181 -3.17 6.03 9.80
C PHE A 181 -1.75 6.56 9.91
N VAL A 182 -1.61 7.88 9.95
CA VAL A 182 -0.29 8.51 9.98
C VAL A 182 0.52 8.12 11.22
N LYS A 183 -0.08 8.28 12.39
CA LYS A 183 0.68 8.10 13.62
C LYS A 183 0.82 6.62 14.03
N GLU A 184 -0.18 5.81 13.69
CA GLU A 184 -0.23 4.44 14.21
C GLU A 184 -0.03 3.31 13.21
N VAL A 185 0.00 3.62 11.92
CA VAL A 185 0.20 2.59 10.90
C VAL A 185 1.39 2.89 9.98
N SER A 186 1.46 4.14 9.52
CA SER A 186 2.33 4.49 8.39
C SER A 186 3.82 4.23 8.60
N ARG A 187 4.27 4.24 9.86
CA ARG A 187 5.69 4.09 10.13
C ARG A 187 6.15 2.64 10.28
N ALA A 188 5.23 1.69 10.15
CA ALA A 188 5.62 0.29 10.29
C ALA A 188 6.51 -0.16 9.13
N ARG A 189 7.71 -0.62 9.46
CA ARG A 189 8.68 -1.01 8.44
C ARG A 189 8.43 -2.40 7.90
N THR A 190 8.83 -2.61 6.66
CA THR A 190 8.79 -3.93 6.08
C THR A 190 9.74 -4.85 6.84
N PHE A 191 9.53 -6.15 6.72
CA PHE A 191 10.36 -7.10 7.44
C PHE A 191 10.58 -8.35 6.61
N GLY A 192 11.59 -9.12 7.01
CA GLY A 192 11.87 -10.36 6.33
C GLY A 192 12.63 -11.30 7.23
N PHE A 193 12.55 -12.59 6.91
N PHE A 193 12.53 -12.59 6.93
CA PHE A 193 13.30 -13.60 7.64
CA PHE A 193 13.32 -13.58 7.65
C PHE A 193 14.68 -13.75 7.02
C PHE A 193 14.69 -13.68 7.02
N MET A 194 15.69 -13.84 7.88
CA MET A 194 17.08 -13.89 7.45
C MET A 194 17.33 -14.93 6.37
N ARG A 195 16.80 -16.14 6.55
CA ARG A 195 16.97 -17.21 5.58
C ARG A 195 16.39 -16.85 4.22
N ASP A 196 15.26 -16.14 4.23
CA ASP A 196 14.60 -15.76 2.99
C ASP A 196 15.36 -14.64 2.30
N ILE A 197 15.87 -13.70 3.09
CA ILE A 197 16.64 -12.59 2.53
C ILE A 197 17.96 -13.11 1.96
N GLU A 198 18.57 -14.08 2.65
CA GLU A 198 19.74 -14.76 2.12
C GLU A 198 19.46 -15.38 0.76
N TYR A 199 18.31 -16.03 0.63
CA TYR A 199 17.95 -16.66 -0.63
C TYR A 199 17.83 -15.63 -1.74
N LEU A 200 17.20 -14.51 -1.44
CA LEU A 200 17.03 -13.43 -2.41
C LEU A 200 18.39 -12.89 -2.82
N ARG A 201 19.24 -12.62 -1.84
CA ARG A 201 20.57 -12.09 -2.13
C ARG A 201 21.45 -13.07 -2.92
N SER A 202 21.25 -14.37 -2.73
CA SER A 202 22.04 -15.37 -3.44
C SER A 202 21.72 -15.36 -4.92
N GLN A 203 20.54 -14.84 -5.25
CA GLN A 203 20.07 -14.78 -6.63
C GLN A 203 20.29 -13.37 -7.19
N ASN A 204 21.13 -12.61 -6.51
CA ASN A 204 21.37 -11.21 -6.86
C ASN A 204 20.11 -10.36 -6.76
N LEU A 205 19.25 -10.68 -5.79
CA LEU A 205 18.05 -9.89 -5.54
C LEU A 205 18.14 -9.24 -4.16
N ALA A 206 17.16 -8.41 -3.82
CA ALA A 206 17.16 -7.63 -2.57
C ALA A 206 18.43 -6.78 -2.46
N LEU A 207 18.94 -6.31 -3.59
CA LEU A 207 20.21 -5.60 -3.61
C LEU A 207 20.18 -4.26 -2.87
N GLY A 208 19.00 -3.69 -2.71
CA GLY A 208 18.86 -2.41 -2.03
C GLY A 208 18.60 -2.56 -0.55
N GLY A 209 18.40 -3.81 -0.10
CA GLY A 209 18.12 -4.08 1.29
C GLY A 209 19.29 -3.75 2.20
N SER A 210 18.97 -3.17 3.35
CA SER A 210 19.99 -2.84 4.33
C SER A 210 19.33 -2.70 5.69
N VAL A 211 20.14 -2.52 6.73
CA VAL A 211 19.63 -2.39 8.09
C VAL A 211 18.82 -1.09 8.24
N GLU A 212 18.91 -0.23 7.24
CA GLU A 212 18.24 1.06 7.28
C GLU A 212 16.85 1.05 6.64
N ASN A 213 16.46 -0.06 6.05
CA ASN A 213 15.17 -0.10 5.35
C ASN A 213 14.34 -1.36 5.54
N ALA A 214 14.74 -2.21 6.48
CA ALA A 214 13.98 -3.42 6.76
C ALA A 214 14.28 -3.96 8.14
N ILE A 215 13.27 -4.54 8.78
CA ILE A 215 13.49 -5.30 10.00
C ILE A 215 13.86 -6.72 9.59
N VAL A 216 14.99 -7.20 10.09
CA VAL A 216 15.41 -8.57 9.82
C VAL A 216 15.32 -9.39 11.09
N VAL A 217 14.68 -10.55 10.99
CA VAL A 217 14.64 -11.49 12.11
C VAL A 217 15.26 -12.81 11.67
N ASP A 218 15.96 -13.49 12.58
CA ASP A 218 16.29 -14.89 12.33
C ASP A 218 15.22 -15.76 13.01
N GLU A 219 15.49 -17.06 13.18
CA GLU A 219 14.47 -17.92 13.77
C GLU A 219 14.06 -17.47 15.16
N ASN A 220 14.98 -16.81 15.87
CA ASN A 220 14.82 -16.61 17.31
C ASN A 220 14.76 -15.16 17.82
N ARG A 221 15.29 -14.21 17.06
CA ARG A 221 15.35 -12.85 17.56
C ARG A 221 15.27 -11.80 16.46
N VAL A 222 14.90 -10.59 16.85
CA VAL A 222 14.96 -9.44 15.97
C VAL A 222 16.41 -8.96 15.94
N LEU A 223 16.97 -8.84 14.75
CA LEU A 223 18.38 -8.48 14.60
C LEU A 223 18.64 -6.98 14.71
N ASN A 224 17.72 -6.17 14.19
CA ASN A 224 17.80 -4.72 14.35
C ASN A 224 18.00 -4.31 15.80
N GLU A 225 19.07 -3.56 16.06
CA GLU A 225 19.46 -3.24 17.43
C GLU A 225 18.46 -2.35 18.17
N ASP A 226 17.82 -1.44 17.45
CA ASP A 226 16.96 -0.43 18.08
C ASP A 226 15.58 -0.94 18.48
N GLY A 227 15.22 -2.13 18.00
CA GLY A 227 13.93 -2.70 18.33
C GLY A 227 12.83 -2.23 17.39
N LEU A 228 11.62 -2.07 17.93
CA LEU A 228 10.45 -1.78 17.11
C LEU A 228 9.85 -0.39 17.31
N ARG A 229 9.26 0.14 16.24
CA ARG A 229 8.60 1.44 16.29
C ARG A 229 7.21 1.34 16.92
N TYR A 230 6.57 0.19 16.71
CA TYR A 230 5.30 -0.14 17.33
C TYR A 230 5.47 -1.50 17.99
N GLU A 231 4.80 -1.74 19.10
CA GLU A 231 4.88 -3.04 19.76
C GLU A 231 4.48 -4.18 18.81
N ASP A 232 3.51 -3.92 17.94
CA ASP A 232 3.05 -4.92 16.98
C ASP A 232 3.39 -4.50 15.56
N GLU A 233 4.64 -4.09 15.36
CA GLU A 233 5.03 -3.52 14.07
C GLU A 233 4.85 -4.48 12.88
N PHE A 234 5.05 -5.78 13.11
CA PHE A 234 4.98 -6.74 12.01
C PHE A 234 3.58 -6.80 11.38
N VAL A 235 2.56 -7.04 12.19
CA VAL A 235 1.21 -7.09 11.65
C VAL A 235 0.76 -5.71 11.17
N LYS A 236 1.25 -4.66 11.81
CA LYS A 236 0.91 -3.32 11.34
C LYS A 236 1.46 -3.08 9.95
N HIS A 237 2.64 -3.63 9.64
CA HIS A 237 3.14 -3.49 8.29
C HIS A 237 2.28 -4.25 7.28
N LYS A 238 1.75 -5.40 7.68
CA LYS A 238 0.88 -6.15 6.78
C LYS A 238 -0.38 -5.35 6.47
N ILE A 239 -0.87 -4.64 7.47
CA ILE A 239 -2.01 -3.74 7.33
C ILE A 239 -1.68 -2.60 6.37
N LEU A 240 -0.49 -2.01 6.55
CA LEU A 240 0.02 -0.99 5.64
C LEU A 240 0.02 -1.50 4.19
N ASP A 241 0.58 -2.70 4.00
CA ASP A 241 0.64 -3.35 2.68
C ASP A 241 -0.76 -3.52 2.10
N ALA A 242 -1.70 -3.98 2.92
CA ALA A 242 -3.07 -4.19 2.44
C ALA A 242 -3.74 -2.89 2.00
N ILE A 243 -3.54 -1.83 2.78
CA ILE A 243 -4.12 -0.53 2.45
C ILE A 243 -3.59 -0.02 1.10
N GLY A 244 -2.30 -0.21 0.87
CA GLY A 244 -1.71 0.16 -0.41
C GLY A 244 -2.24 -0.66 -1.57
N ASP A 245 -2.32 -1.96 -1.37
CA ASP A 245 -2.80 -2.84 -2.44
C ASP A 245 -4.27 -2.56 -2.73
N LEU A 246 -5.05 -2.28 -1.68
CA LEU A 246 -6.48 -2.03 -1.84
C LEU A 246 -6.74 -0.74 -2.59
N TYR A 247 -5.80 0.19 -2.56
CA TYR A 247 -6.01 1.48 -3.23
C TYR A 247 -5.96 1.34 -4.74
N LEU A 248 -5.51 0.18 -5.22
CA LEU A 248 -5.57 -0.12 -6.65
C LEU A 248 -7.01 -0.26 -7.16
N LEU A 249 -7.96 -0.25 -6.24
N LEU A 249 -7.98 -0.29 -6.24
CA LEU A 249 -9.38 -0.22 -6.58
CA LEU A 249 -9.37 -0.22 -6.63
C LEU A 249 -9.72 1.12 -7.21
C LEU A 249 -9.65 1.11 -7.32
N GLY A 250 -8.85 2.12 -6.99
CA GLY A 250 -8.99 3.43 -7.60
C GLY A 250 -9.75 4.44 -6.77
N ASN A 251 -10.34 3.98 -5.67
CA ASN A 251 -11.11 4.85 -4.79
C ASN A 251 -10.99 4.39 -3.35
N SER A 252 -11.25 5.31 -2.42
CA SER A 252 -11.33 4.97 -1.00
C SER A 252 -12.45 3.98 -0.72
N LEU A 253 -12.24 3.14 0.28
CA LEU A 253 -13.16 2.06 0.59
C LEU A 253 -14.06 2.39 1.77
N ILE A 254 -15.34 2.05 1.64
CA ILE A 254 -16.24 1.98 2.79
C ILE A 254 -16.52 0.51 3.01
N GLY A 255 -15.84 -0.08 3.98
CA GLY A 255 -15.91 -1.50 4.21
C GLY A 255 -14.76 -1.96 5.07
N GLU A 256 -14.68 -3.27 5.28
CA GLU A 256 -13.60 -3.86 6.06
C GLU A 256 -12.82 -4.87 5.22
N PHE A 257 -11.50 -4.83 5.33
CA PHE A 257 -10.65 -5.87 4.79
C PHE A 257 -10.23 -6.77 5.94
N ARG A 258 -10.28 -8.09 5.73
CA ARG A 258 -9.75 -9.04 6.69
C ARG A 258 -8.74 -9.93 5.98
N GLY A 259 -7.50 -9.89 6.45
CA GLY A 259 -6.44 -10.71 5.87
C GLY A 259 -5.98 -11.78 6.84
N PHE A 260 -5.76 -12.97 6.32
CA PHE A 260 -5.24 -14.09 7.10
C PHE A 260 -4.05 -14.68 6.35
N LYS A 261 -2.84 -14.33 6.78
CA LYS A 261 -1.61 -14.78 6.13
C LYS A 261 -1.60 -14.40 4.66
N SER A 262 -2.31 -13.33 4.32
CA SER A 262 -2.44 -12.92 2.93
C SER A 262 -1.21 -12.13 2.47
N GLY A 263 -1.10 -11.96 1.15
CA GLY A 263 -0.02 -11.18 0.58
C GLY A 263 -0.50 -10.44 -0.65
N HIS A 264 0.44 -9.88 -1.41
CA HIS A 264 0.09 -9.02 -2.53
C HIS A 264 -0.70 -9.74 -3.62
N ALA A 265 -0.34 -11.00 -3.89
CA ALA A 265 -1.01 -11.76 -4.93
C ALA A 265 -2.47 -11.99 -4.57
N LEU A 266 -2.71 -12.45 -3.35
CA LEU A 266 -4.07 -12.71 -2.90
C LEU A 266 -4.85 -11.41 -2.77
N ASN A 267 -4.20 -10.35 -2.31
CA ASN A 267 -4.85 -9.05 -2.23
C ASN A 267 -5.35 -8.61 -3.61
N ASN A 268 -4.52 -8.77 -4.63
CA ASN A 268 -4.90 -8.40 -5.98
C ASN A 268 -6.00 -9.30 -6.54
N GLN A 269 -5.94 -10.60 -6.22
CA GLN A 269 -7.00 -11.52 -6.60
C GLN A 269 -8.33 -11.08 -6.00
N LEU A 270 -8.29 -10.65 -4.73
CA LEU A 270 -9.50 -10.16 -4.07
C LEU A 270 -10.07 -8.96 -4.80
N LEU A 271 -9.21 -8.02 -5.18
CA LEU A 271 -9.67 -6.85 -5.91
C LEU A 271 -10.35 -7.22 -7.23
N ARG A 272 -9.70 -8.07 -8.01
CA ARG A 272 -10.23 -8.42 -9.32
C ARG A 272 -11.54 -9.19 -9.18
N THR A 273 -11.63 -9.99 -8.12
CA THR A 273 -12.80 -10.79 -7.84
C THR A 273 -13.97 -9.90 -7.40
N LEU A 274 -13.68 -8.91 -6.56
CA LEU A 274 -14.70 -7.95 -6.16
C LEU A 274 -15.21 -7.12 -7.34
N ILE A 275 -14.27 -6.54 -8.09
CA ILE A 275 -14.59 -5.68 -9.23
C ILE A 275 -15.53 -6.38 -10.22
N ALA A 276 -15.27 -7.66 -10.46
CA ALA A 276 -16.06 -8.43 -11.43
C ALA A 276 -17.52 -8.60 -11.04
N ASP A 277 -17.80 -8.59 -9.74
CA ASP A 277 -19.17 -8.82 -9.28
C ASP A 277 -19.86 -7.52 -8.86
N LYS A 278 -20.65 -6.96 -9.76
CA LYS A 278 -21.29 -5.67 -9.50
C LYS A 278 -22.33 -5.70 -8.38
N ASP A 279 -22.79 -6.88 -7.97
CA ASP A 279 -23.75 -6.96 -6.87
C ASP A 279 -23.10 -6.76 -5.51
N ALA A 280 -21.77 -6.79 -5.48
CA ALA A 280 -21.05 -6.82 -4.23
C ALA A 280 -20.52 -5.46 -3.80
N TRP A 281 -20.66 -4.46 -4.68
CA TRP A 281 -20.17 -3.12 -4.38
C TRP A 281 -20.95 -2.04 -5.11
N GLU A 282 -20.79 -0.80 -4.66
CA GLU A 282 -21.38 0.35 -5.34
C GLU A 282 -20.49 1.56 -5.13
N VAL A 283 -20.60 2.54 -6.02
CA VAL A 283 -19.88 3.80 -5.86
C VAL A 283 -20.81 4.81 -5.21
N VAL A 284 -20.32 5.47 -4.16
CA VAL A 284 -21.11 6.47 -3.46
C VAL A 284 -20.35 7.78 -3.29
N THR A 285 -21.10 8.86 -3.16
CA THR A 285 -20.52 10.16 -2.82
C THR A 285 -21.27 10.73 -1.63
N PHE A 286 -20.71 11.77 -1.01
CA PHE A 286 -21.35 12.39 0.14
C PHE A 286 -21.47 13.90 -0.05
N GLU A 287 -22.69 14.36 -0.27
CA GLU A 287 -22.95 15.79 -0.42
C GLU A 287 -22.88 16.49 0.93
N ASP A 288 -23.09 15.73 2.00
CA ASP A 288 -22.93 16.23 3.36
C ASP A 288 -21.89 15.38 4.09
N ALA A 289 -20.72 15.98 4.33
CA ALA A 289 -19.61 15.28 4.98
C ALA A 289 -19.96 14.74 6.36
N ARG A 290 -20.90 15.41 7.03
CA ARG A 290 -21.31 15.02 8.38
C ARG A 290 -22.04 13.67 8.39
N THR A 291 -22.60 13.29 7.24
CA THR A 291 -23.35 12.04 7.14
C THR A 291 -22.46 10.89 6.65
N ALA A 292 -21.17 11.15 6.54
CA ALA A 292 -20.23 10.13 6.06
C ALA A 292 -19.63 9.34 7.21
N PRO A 293 -19.45 8.02 7.00
CA PRO A 293 -18.87 7.12 8.02
C PRO A 293 -17.36 7.22 8.08
N ILE A 294 -16.77 8.00 7.18
CA ILE A 294 -15.34 8.25 7.17
C ILE A 294 -15.05 9.73 7.09
N SER A 295 -13.80 10.12 7.35
CA SER A 295 -13.38 11.50 7.26
C SER A 295 -11.89 11.61 6.98
N TYR A 296 -11.51 12.50 6.08
CA TYR A 296 -10.11 12.73 5.75
C TYR A 296 -9.67 14.14 6.12
ZN ZN B . 5.39 -3.89 2.60
ZN ZN C . 11.03 -21.62 12.23
O01 1WM D . 5.48 -4.86 0.59
N02 1WM D . 5.94 -6.11 0.78
C03 1WM D . 6.54 -6.43 2.03
O04 1WM D . 6.55 -5.58 2.91
C05 1WM D . 6.87 -7.86 2.35
N06 1WM D . 8.32 -7.87 2.55
C07 1WM D . 9.23 -8.08 1.42
O08 1WM D . 8.81 -8.29 0.28
C09 1WM D . 10.70 -7.93 1.69
C10 1WM D . 11.07 -7.32 2.89
C11 1WM D . 12.45 -7.15 3.15
C12 1WM D . 13.42 -7.59 2.21
C13 1WM D . 14.81 -7.35 2.64
C14 1WM D . 15.95 -7.13 3.02
C15 1WM D . 17.32 -6.89 3.52
C16 1WM D . 18.41 -6.70 3.96
C17 1WM D . 19.73 -6.47 4.51
C18 1WM D . 19.78 -6.08 5.88
C19 1WM D . 21.02 -5.84 6.49
C20 1WM D . 22.19 -6.00 5.75
N21 1WM D . 23.47 -5.76 6.40
C22 1WM D . 22.14 -6.41 4.39
C23 1WM D . 20.90 -6.65 3.77
C24 1WM D . 13.04 -8.22 1.02
C25 1WM D . 11.67 -8.40 0.74
C26 1WM D . 6.14 -8.32 3.57
O27 1WM D . 4.79 -8.15 3.44
C29 1WM D . 6.48 -9.73 3.89
C30 1WM D . 7.15 -10.03 5.11
C31 1WM D . 7.46 -11.37 5.45
C32 1WM D . 7.09 -12.43 4.56
O33 1WM D . 7.38 -13.75 4.88
C34 1WM D . 6.41 -12.13 3.33
C35 1WM D . 6.10 -10.79 2.99
N NO3 E . 3.09 -8.48 15.59
O1 NO3 E . 2.42 -8.96 14.48
O2 NO3 E . 4.06 -7.50 15.46
O3 NO3 E . 2.81 -8.98 16.85
N NO3 F . 2.20 -16.25 7.97
O1 NO3 F . 2.87 -16.40 6.74
O2 NO3 F . 1.51 -15.07 8.26
O3 NO3 F . 2.23 -17.29 8.91
N NO3 G . 14.63 7.59 3.91
O1 NO3 G . 13.31 7.34 4.28
O2 NO3 G . 15.07 8.91 3.76
O3 NO3 G . 15.51 6.51 3.71
N NO3 H . 8.56 20.37 -12.35
O1 NO3 H . 8.42 19.06 -12.81
O2 NO3 H . 8.02 21.44 -13.06
O3 NO3 H . 9.24 20.64 -11.16
N NO3 I . 14.10 2.60 13.33
O1 NO3 I . 15.21 2.04 13.97
O2 NO3 I . 12.88 2.63 13.98
O3 NO3 I . 14.24 3.12 12.05
N NO3 J . 15.84 15.60 -6.83
O1 NO3 J . 15.22 14.53 -6.16
O2 NO3 J . 15.63 15.78 -8.20
O3 NO3 J . 16.65 16.47 -6.11
N NO3 K . 0.79 -1.70 18.56
O1 NO3 K . 1.21 -2.31 19.74
O2 NO3 K . 1.51 -1.92 17.37
O3 NO3 K . -0.33 -0.87 18.56
N NO3 L . -22.70 -2.03 7.20
O1 NO3 L . -23.12 -2.69 8.34
O2 NO3 L . -21.66 -2.55 6.44
O3 NO3 L . -23.33 -0.85 6.81
N NO3 M . -0.18 -14.52 -1.28
O1 NO3 M . -0.60 -15.67 -1.95
O2 NO3 M . -0.72 -13.29 -1.62
O3 NO3 M . 0.79 -14.60 -0.27
N NO3 N . -13.69 -18.91 -0.17
O1 NO3 N . -12.90 -17.80 -0.51
O2 NO3 N . -14.47 -18.89 1.00
O3 NO3 N . -13.70 -20.04 -0.99
N NO3 O . 13.22 3.15 -23.93
O1 NO3 O . 13.94 4.30 -23.57
O2 NO3 O . 11.92 3.27 -24.47
O3 NO3 O . 13.79 1.89 -23.77
N NO3 P . -12.77 6.84 9.32
O1 NO3 P . -12.05 7.92 8.76
O2 NO3 P . -12.45 5.53 8.98
O3 NO3 P . -13.82 7.10 10.22
N NO3 Q . 1.41 2.76 18.25
O1 NO3 Q . 0.29 3.31 17.62
O2 NO3 Q . 1.56 1.37 18.32
O3 NO3 Q . 2.37 3.60 18.82
N NO3 R . -8.28 -12.84 -10.32
O1 NO3 R . -6.96 -12.98 -9.87
O2 NO3 R . -8.53 -12.34 -11.60
O3 NO3 R . -9.34 -13.21 -9.50
N NO3 S . -7.91 9.37 13.90
O1 NO3 S . -7.08 9.89 12.90
O2 NO3 S . -7.43 9.27 15.22
O3 NO3 S . -9.21 8.96 13.59
N NO3 T . 13.44 -8.96 -3.68
O1 NO3 T . 14.10 -8.31 -2.63
O2 NO3 T . 12.16 -9.46 -3.48
O3 NO3 T . 14.08 -9.09 -4.92
#